data_5WNW
#
_entry.id   5WNW
#
_cell.length_a   42.900
_cell.length_b   42.900
_cell.length_c   260.200
_cell.angle_alpha   90.00
_cell.angle_beta   90.00
_cell.angle_gamma   90.00
#
_symmetry.space_group_name_H-M   'P 41 2 2'
#
loop_
_entity.id
_entity.type
_entity.pdbx_description
1 polymer 'Periplasmic chaperone Spy'
2 polymer 'Colicin-E7 immunity protein'
3 non-polymer IMIDAZOLE
4 non-polymer 'ZINC ION'
5 non-polymer 'CHLORIDE ION'
6 water water
#
loop_
_entity_poly.entity_id
_entity_poly.type
_entity_poly.pdbx_seq_one_letter_code
_entity_poly.pdbx_strand_id
1 'polypeptide(L)'
;SFKDLNLTDAQKQQIREIMKGQRDQMKRPPLEERRAMHDIIASDTFDKVKAEAQIAKMEEQRKANMLAHMETQNKIYNIL
TPEQKKQFNANFEKRLT
;
A,B
2 'polypeptide(L)' SISDYTEAEFVQLLKEIEKENVAATDDVLDVLLEHFVKIT C
#
# COMPACT_ATOMS: atom_id res chain seq x y z
N SER A 1 11.01 7.66 -5.22
CA SER A 1 11.63 7.16 -6.48
C SER A 1 13.06 7.69 -6.57
N PHE A 2 13.72 7.75 -5.42
CA PHE A 2 15.00 8.42 -5.33
C PHE A 2 16.07 7.79 -6.21
N LYS A 3 15.92 6.50 -6.50
CA LYS A 3 16.84 5.82 -7.42
C LYS A 3 16.94 6.49 -8.80
N ASP A 4 15.83 7.04 -9.28
CA ASP A 4 15.74 7.58 -10.64
C ASP A 4 16.36 8.96 -10.86
N LEU A 5 16.94 9.55 -9.82
CA LEU A 5 17.34 10.97 -9.85
C LEU A 5 18.84 11.17 -10.11
N ASN A 6 19.47 10.13 -10.62
CA ASN A 6 20.93 10.16 -10.84
C ASN A 6 21.73 10.66 -9.64
N LEU A 7 21.61 9.93 -8.53
CA LEU A 7 22.30 10.27 -7.29
C LEU A 7 23.82 10.28 -7.40
N THR A 8 24.45 11.23 -6.73
CA THR A 8 25.92 11.27 -6.67
C THR A 8 26.44 10.25 -5.66
N ASP A 9 27.75 9.95 -5.72
CA ASP A 9 28.32 9.04 -4.76
C ASP A 9 28.10 9.53 -3.35
N ALA A 10 28.27 10.83 -3.12
CA ALA A 10 28.06 11.35 -1.77
C ALA A 10 26.62 11.08 -1.36
N GLN A 11 25.69 11.32 -2.29
CA GLN A 11 24.27 11.17 -1.95
C GLN A 11 23.94 9.73 -1.58
N LYS A 12 24.58 8.80 -2.28
CA LYS A 12 24.38 7.38 -2.02
C LYS A 12 24.82 7.04 -0.61
N GLN A 13 25.93 7.60 -0.15
CA GLN A 13 26.40 7.35 1.20
C GLN A 13 25.49 8.05 2.21
N GLN A 14 25.01 9.23 1.87
CA GLN A 14 24.16 9.96 2.78
C GLN A 14 22.86 9.22 2.98
N ILE A 15 22.31 8.68 1.92
CA ILE A 15 21.07 7.91 2.01
C ILE A 15 21.33 6.66 2.85
N ARG A 16 22.47 6.01 2.59
CA ARG A 16 22.87 4.86 3.38
C ARG A 16 22.83 5.18 4.87
N GLU A 17 23.43 6.29 5.28
CA GLU A 17 23.38 6.66 6.69
C GLU A 17 21.95 6.94 7.18
N ILE A 18 21.18 7.66 6.37
CA ILE A 18 19.80 7.97 6.74
C ILE A 18 18.96 6.71 6.97
N MET A 19 19.12 5.72 6.11
CA MET A 19 18.35 4.47 6.21
C MET A 19 18.95 3.54 7.25
N LYS A 20 20.27 3.43 7.26
CA LYS A 20 20.96 2.46 8.09
C LYS A 20 21.23 3.13 9.43
CA GLY A 21 20.73 -1.41 8.85
CA GLY A 21 21.55 1.49 12.92
CA GLY A 21 20.40 -1.18 8.90
CA GLY A 21 20.11 -1.51 8.98
CA GLY A 21 20.99 -1.06 8.86
CA GLN A 22 18.35 3.50 13.71
CA GLN A 22 18.03 -3.60 7.51
CA GLN A 22 18.19 -3.59 7.28
CA GLN A 22 18.73 -2.61 10.53
CA ARG A 23 17.97 -5.47 5.94
CA ARG A 23 15.22 1.32 12.88
CA ARG A 23 15.54 -2.89 9.72
CA ARG A 23 15.52 -2.81 9.64
CA ASP A 24 14.91 -2.99 10.16
CA GLN A 25 14.93 -9.51 2.28
CA GLN A 25 15.03 -4.95 12.77
CA GLN A 25 13.87 -2.91 16.24
CA MET A 26 9.85 -4.19 15.50
CA ARG A 28 6.58 -9.95 6.17
CA ARG A 28 7.29 -9.86 8.34
CA ARG A 28 6.85 -9.60 7.10
CA PRO A 29 2.61 -8.77 5.69
CA PRO A 29 5.53 -10.83 6.14
CA PRO A 29 2.47 -8.74 5.26
N PRO A 30 3.41 -9.60 11.02
CA PRO A 30 2.23 -8.82 10.60
C PRO A 30 1.01 -9.71 10.36
N LEU A 31 1.23 -11.02 10.27
CA LEU A 31 0.13 -11.90 9.89
C LEU A 31 -1.05 -11.86 10.86
N GLU A 32 -0.82 -11.47 12.11
CA GLU A 32 -1.90 -11.42 13.10
C GLU A 32 -3.06 -10.52 12.65
N GLU A 33 -2.72 -9.38 12.05
CA GLU A 33 -3.71 -8.46 11.51
C GLU A 33 -4.48 -9.09 10.33
N ARG A 34 -3.80 -9.86 9.49
CA ARG A 34 -4.45 -10.50 8.36
C ARG A 34 -5.43 -11.54 8.84
N ARG A 35 -5.07 -12.25 9.89
CA ARG A 35 -5.94 -13.31 10.40
C ARG A 35 -7.20 -12.68 10.97
N ALA A 36 -7.06 -11.52 11.59
CA ALA A 36 -8.21 -10.83 12.15
C ALA A 36 -9.15 -10.39 11.02
N MET A 37 -8.58 -9.84 9.95
CA MET A 37 -9.38 -9.46 8.79
C MET A 37 -10.06 -10.68 8.22
N HIS A 38 -9.33 -11.78 8.14
CA HIS A 38 -9.88 -12.99 7.59
C HIS A 38 -11.13 -13.41 8.36
N ASP A 39 -11.07 -13.40 9.68
CA ASP A 39 -12.24 -13.84 10.49
C ASP A 39 -13.46 -12.93 10.28
N ILE A 40 -13.26 -11.66 9.98
CA ILE A 40 -14.35 -10.74 9.69
C ILE A 40 -14.95 -10.92 8.31
N ILE A 41 -14.10 -11.19 7.34
CA ILE A 41 -14.53 -11.37 5.97
C ILE A 41 -15.24 -12.72 5.77
N ALA A 42 -14.71 -13.80 6.33
CA ALA A 42 -15.30 -15.12 6.09
C ALA A 42 -16.33 -15.47 7.14
N SER A 43 -17.31 -14.60 7.33
CA SER A 43 -18.34 -14.81 8.35
C SER A 43 -19.67 -14.70 7.65
N ASP A 44 -20.76 -15.24 8.20
CA ASP A 44 -21.99 -15.22 7.43
C ASP A 44 -22.69 -13.86 7.55
N THR A 45 -22.10 -12.94 8.32
CA THR A 45 -22.57 -11.57 8.42
C THR A 45 -21.41 -10.63 8.58
N PHE A 46 -21.60 -9.36 8.25
CA PHE A 46 -20.55 -8.35 8.39
C PHE A 46 -20.73 -7.60 9.69
N ASP A 47 -19.79 -7.74 10.60
CA ASP A 47 -19.90 -7.18 11.92
C ASP A 47 -19.14 -5.88 11.97
N LYS A 48 -19.86 -4.78 11.81
CA LYS A 48 -19.20 -3.50 11.65
C LYS A 48 -18.46 -3.11 12.92
N VAL A 49 -19.04 -3.35 14.10
CA VAL A 49 -18.33 -2.99 15.31
C VAL A 49 -17.04 -3.79 15.45
N LYS A 50 -17.09 -5.08 15.17
CA LYS A 50 -15.87 -5.88 15.23
C LYS A 50 -14.86 -5.39 14.19
N ALA A 51 -15.33 -5.01 13.00
CA ALA A 51 -14.38 -4.48 11.96
C ALA A 51 -13.70 -3.20 12.40
N GLU A 52 -14.46 -2.29 12.99
CA GLU A 52 -13.87 -1.01 13.38
CA GLU A 52 -13.91 -1.01 13.42
C GLU A 52 -12.79 -1.23 14.45
N ALA A 53 -13.01 -2.15 15.36
CA ALA A 53 -12.03 -2.40 16.41
C ALA A 53 -10.76 -2.96 15.77
N GLN A 54 -10.98 -3.92 14.87
N GLN A 54 -10.92 -3.88 14.83
CA GLN A 54 -9.89 -4.50 14.06
CA GLN A 54 -9.73 -4.44 14.24
C GLN A 54 -9.04 -3.44 13.39
C GLN A 54 -8.98 -3.43 13.37
N ILE A 55 -9.70 -2.50 12.74
CA ILE A 55 -9.04 -1.47 11.96
C ILE A 55 -8.19 -0.60 12.88
N ALA A 56 -8.70 -0.36 14.08
CA ALA A 56 -8.05 0.55 15.01
C ALA A 56 -6.89 -0.05 15.79
N LYS A 57 -6.83 -1.38 15.85
CA LYS A 57 -6.00 -2.08 16.81
C LYS A 57 -4.54 -1.64 16.64
N MET A 58 -4.10 -1.54 15.41
CA MET A 58 -2.67 -1.25 15.19
C MET A 58 -2.36 0.24 14.93
N GLU A 59 -3.19 1.12 15.47
CA GLU A 59 -3.01 2.55 15.27
C GLU A 59 -1.64 3.05 15.72
N GLU A 60 -1.16 2.60 16.87
CA GLU A 60 0.13 3.10 17.38
C GLU A 60 1.30 2.67 16.50
N GLN A 61 1.28 1.41 16.08
CA GLN A 61 2.37 0.90 15.26
C GLN A 61 2.36 1.59 13.90
N ARG A 62 1.18 1.83 13.34
CA ARG A 62 1.08 2.57 12.06
C ARG A 62 1.61 3.99 12.20
N LYS A 63 1.29 4.65 13.31
CA LYS A 63 1.80 6.02 13.52
C LYS A 63 3.33 6.04 13.58
N ALA A 64 3.92 5.13 14.36
CA ALA A 64 5.38 5.10 14.44
C ALA A 64 5.97 4.81 13.09
N ASN A 65 5.33 3.95 12.30
CA ASN A 65 5.93 3.58 11.02
C ASN A 65 5.85 4.73 10.06
N MET A 66 4.72 5.38 10.02
CA MET A 66 4.53 6.48 9.10
C MET A 66 5.38 7.68 9.51
N LEU A 67 5.56 7.93 10.80
CA LEU A 67 6.47 8.99 11.20
C LEU A 67 7.91 8.75 10.77
N ALA A 68 8.35 7.50 10.86
CA ALA A 68 9.68 7.12 10.39
C ALA A 68 9.80 7.36 8.90
N HIS A 69 8.79 6.91 8.17
CA HIS A 69 8.77 7.05 6.72
C HIS A 69 8.79 8.50 6.30
N MET A 70 7.93 9.32 6.91
CA MET A 70 7.88 10.72 6.56
C MET A 70 9.20 11.42 6.88
N GLU A 71 9.80 11.12 8.03
CA GLU A 71 11.00 11.81 8.40
C GLU A 71 12.15 11.41 7.45
N THR A 72 12.22 10.12 7.13
CA THR A 72 13.26 9.61 6.23
C THR A 72 13.16 10.25 4.84
N GLN A 73 11.96 10.28 4.29
CA GLN A 73 11.71 10.90 2.97
C GLN A 73 12.07 12.38 2.99
N ASN A 74 11.72 13.07 4.09
CA ASN A 74 12.10 14.46 4.20
C ASN A 74 13.63 14.63 4.26
N LYS A 75 14.33 13.75 4.95
CA LYS A 75 15.80 13.88 5.05
C LYS A 75 16.39 13.69 3.67
N ILE A 76 15.82 12.74 2.95
CA ILE A 76 16.44 12.42 1.64
C ILE A 76 16.13 13.55 0.68
N TYR A 77 14.89 14.04 0.72
CA TYR A 77 14.55 15.14 -0.16
C TYR A 77 15.52 16.28 0.06
N ASN A 78 15.89 16.54 1.30
CA ASN A 78 16.73 17.69 1.55
C ASN A 78 18.22 17.50 1.20
N ILE A 79 18.64 16.32 0.77
CA ILE A 79 20.04 16.23 0.25
C ILE A 79 20.08 16.44 -1.26
N LEU A 80 18.92 16.48 -1.91
CA LEU A 80 18.85 16.64 -3.37
C LEU A 80 19.25 18.03 -3.85
N THR A 81 19.79 18.12 -5.06
CA THR A 81 19.98 19.42 -5.70
C THR A 81 18.65 20.04 -6.14
N PRO A 82 18.63 21.35 -6.42
CA PRO A 82 17.41 21.97 -6.97
C PRO A 82 16.85 21.21 -8.19
N GLU A 83 17.73 20.83 -9.12
CA GLU A 83 17.31 20.12 -10.31
C GLU A 83 16.69 18.77 -9.98
N GLN A 84 17.28 18.06 -9.01
CA GLN A 84 16.75 16.76 -8.59
C GLN A 84 15.40 16.93 -7.85
N LYS A 85 15.28 18.01 -7.10
CA LYS A 85 14.05 18.30 -6.40
C LYS A 85 12.89 18.50 -7.37
N LYS A 86 13.12 19.31 -8.39
CA LYS A 86 12.09 19.53 -9.41
C LYS A 86 11.65 18.23 -10.05
N GLN A 87 12.61 17.34 -10.33
CA GLN A 87 12.27 16.07 -10.95
C GLN A 87 11.50 15.19 -9.95
N PHE A 88 11.93 15.16 -8.69
CA PHE A 88 11.19 14.40 -7.68
C PHE A 88 9.76 14.92 -7.56
N ASN A 89 9.62 16.24 -7.43
CA ASN A 89 8.28 16.81 -7.27
C ASN A 89 7.38 16.60 -8.48
N ALA A 90 7.91 16.75 -9.70
CA ALA A 90 7.14 16.53 -10.90
C ALA A 90 6.65 15.10 -10.92
N ASN A 91 7.53 14.16 -10.58
CA ASN A 91 7.17 12.75 -10.52
C ASN A 91 6.08 12.50 -9.49
N PHE A 92 6.14 13.25 -8.39
CA PHE A 92 5.20 13.07 -7.31
C PHE A 92 3.79 13.42 -7.80
N GLU A 93 3.68 14.42 -8.67
CA GLU A 93 2.37 14.90 -9.12
C GLU A 93 1.73 13.91 -10.04
N LYS A 94 2.54 13.25 -10.86
CA LYS A 94 2.06 12.25 -11.79
C LYS A 94 2.20 10.89 -11.14
N ARG A 95 1.64 10.74 -9.94
CA ARG A 95 1.65 9.47 -9.24
C ARG A 95 0.75 9.48 -8.01
N LEU A 96 0.20 8.32 -7.67
CA LEU A 96 -0.61 8.17 -6.47
C LEU A 96 -0.98 6.71 -6.25
N PHE B 2 -7.01 -15.34 -6.36
CA PHE B 2 -7.05 -15.44 -7.82
C PHE B 2 -8.30 -16.22 -8.29
N LYS B 3 -9.41 -15.50 -8.45
CA LYS B 3 -10.73 -16.06 -8.80
C LYS B 3 -10.71 -17.34 -9.67
N ASP B 4 -10.12 -18.40 -9.08
CA ASP B 4 -10.11 -19.78 -9.58
C ASP B 4 -11.25 -20.52 -8.94
N LEU B 5 -12.28 -19.74 -8.63
CA LEU B 5 -13.42 -20.19 -7.88
C LEU B 5 -14.51 -20.75 -8.76
N ASN B 6 -14.28 -20.79 -10.07
CA ASN B 6 -15.34 -21.27 -10.98
C ASN B 6 -16.62 -20.48 -10.87
N LEU B 7 -16.56 -19.15 -10.87
CA LEU B 7 -17.76 -18.36 -10.58
C LEU B 7 -18.91 -18.58 -11.57
N THR B 8 -20.09 -18.87 -11.03
CA THR B 8 -21.34 -18.97 -11.77
C THR B 8 -21.68 -17.65 -12.49
N ASP B 9 -22.25 -17.71 -13.70
CA ASP B 9 -22.60 -16.48 -14.42
C ASP B 9 -23.51 -15.57 -13.60
N ALA B 10 -24.40 -16.16 -12.81
CA ALA B 10 -25.18 -15.42 -11.84
C ALA B 10 -24.31 -14.82 -10.74
N GLN B 11 -23.16 -15.45 -10.46
CA GLN B 11 -22.23 -14.95 -9.45
C GLN B 11 -21.39 -13.82 -10.02
N LYS B 12 -21.01 -13.95 -11.29
CA LYS B 12 -20.20 -12.95 -11.97
C LYS B 12 -20.88 -11.59 -11.95
N GLN B 13 -22.19 -11.56 -12.24
CA GLN B 13 -22.94 -10.31 -12.30
C GLN B 13 -23.30 -9.81 -10.90
N GLN B 14 -23.61 -10.73 -9.98
CA GLN B 14 -23.82 -10.39 -8.57
C GLN B 14 -22.62 -9.64 -7.95
N ILE B 15 -21.43 -10.06 -8.35
CA ILE B 15 -20.19 -9.42 -7.94
C ILE B 15 -20.05 -8.04 -8.61
N ARG B 16 -20.37 -7.94 -9.89
CA ARG B 16 -20.26 -6.66 -10.59
C ARG B 16 -21.12 -5.63 -9.88
N GLU B 17 -22.30 -6.07 -9.45
CA GLU B 17 -23.21 -5.18 -8.77
C GLU B 17 -22.73 -4.91 -7.35
N ILE B 18 -21.87 -5.78 -6.83
CA ILE B 18 -21.34 -5.57 -5.50
C ILE B 18 -20.33 -4.43 -5.54
N MET B 19 -19.57 -4.34 -6.64
CA MET B 19 -18.54 -3.31 -6.73
C MET B 19 -19.11 -1.91 -7.02
N LYS B 20 -20.26 -1.85 -7.70
CA LYS B 20 -20.88 -0.56 -8.00
C LYS B 20 -21.69 0.00 -6.82
N GLY B 21 -21.80 -0.79 -5.74
CA GLY B 21 -22.52 -0.38 -4.55
C GLY B 21 -21.58 -0.09 -3.40
CA GLN B 22 -20.69 0.52 -0.08
CA GLN B 22 -21.11 -1.55 -0.38
CA GLN B 22 -21.16 -1.52 -0.13
CA ARG B 23 -22.71 -0.49 1.85
CA ARG B 23 -21.60 0.40 2.05
CA ARG B 23 -22.85 -0.79 2.20
CA ARG B 23 -23.32 -1.07 1.94
CA ARG B 23 -22.23 0.12 2.24
CA MET B 26 -17.97 7.01 0.59
CA MET B 26 -18.40 6.99 0.08
CA ARG B 28 -11.90 13.33 1.57
CA PRO B 30 -7.36 10.42 -1.31
CA PRO B 30 -7.27 10.22 -1.18
CA PRO B 30 -7.38 10.29 -1.29
CA PRO B 30 -7.23 9.99 -1.36
CA PRO B 30 -7.00 9.96 -1.43
N LEU B 31 -6.88 12.76 -3.38
CA LEU B 31 -5.75 13.58 -3.79
C LEU B 31 -5.41 14.58 -2.69
N GLU B 32 -6.37 14.85 -1.81
CA GLU B 32 -6.10 15.75 -0.69
C GLU B 32 -5.00 15.18 0.21
N GLU B 33 -4.99 13.85 0.37
CA GLU B 33 -4.03 13.18 1.24
C GLU B 33 -2.61 13.19 0.68
N ARG B 34 -2.48 12.90 -0.61
N ARG B 34 -2.48 12.89 -0.61
CA ARG B 34 -1.19 12.89 -1.26
CA ARG B 34 -1.18 12.88 -1.27
C ARG B 34 -0.62 14.30 -1.25
C ARG B 34 -0.62 14.29 -1.23
N ARG B 35 -1.48 15.30 -1.35
CA ARG B 35 -1.02 16.70 -1.34
C ARG B 35 -0.35 17.11 0.00
N ALA B 36 -0.98 16.74 1.11
CA ALA B 36 -0.45 17.07 2.42
C ALA B 36 0.83 16.27 2.68
N MET B 37 0.85 15.02 2.24
CA MET B 37 2.08 14.25 2.31
C MET B 37 3.21 14.94 1.57
N HIS B 38 2.89 15.47 0.40
CA HIS B 38 3.90 16.13 -0.40
C HIS B 38 4.50 17.30 0.33
N ASP B 39 3.65 18.08 0.93
CA ASP B 39 4.14 19.26 1.62
C ASP B 39 4.98 18.89 2.87
N ILE B 40 4.69 17.74 3.50
CA ILE B 40 5.54 17.31 4.61
C ILE B 40 6.92 16.89 4.12
N ILE B 41 6.98 16.16 3.01
CA ILE B 41 8.24 15.66 2.51
C ILE B 41 9.11 16.78 1.97
N ALA B 42 8.53 17.75 1.27
CA ALA B 42 9.31 18.79 0.61
C ALA B 42 9.66 20.02 1.50
N SER B 43 9.38 19.96 2.78
CA SER B 43 9.67 21.06 3.68
C SER B 43 11.18 21.11 4.04
N ASP B 44 11.70 22.30 4.35
CA ASP B 44 13.09 22.46 4.80
C ASP B 44 13.36 21.71 6.10
N THR B 45 12.35 21.62 6.94
CA THR B 45 12.47 20.93 8.22
C THR B 45 11.37 19.90 8.36
N PHE B 46 11.56 18.97 9.29
CA PHE B 46 10.53 18.02 9.64
C PHE B 46 9.88 18.47 10.93
N ASP B 47 8.56 18.68 10.87
CA ASP B 47 7.78 19.11 11.99
C ASP B 47 6.94 17.94 12.48
N LYS B 48 7.33 17.36 13.60
CA LYS B 48 6.77 16.10 14.01
C LYS B 48 5.26 16.26 14.33
N VAL B 49 4.91 17.38 14.93
CA VAL B 49 3.51 17.57 15.36
C VAL B 49 2.60 17.77 14.13
N LYS B 50 3.08 18.49 13.13
CA LYS B 50 2.37 18.56 11.86
C LYS B 50 2.23 17.19 11.20
N ALA B 51 3.30 16.41 11.19
CA ALA B 51 3.17 15.07 10.63
C ALA B 51 2.16 14.23 11.40
N GLU B 52 2.14 14.34 12.73
CA GLU B 52 1.21 13.51 13.50
C GLU B 52 -0.23 13.89 13.16
N ALA B 53 -0.45 15.17 12.86
CA ALA B 53 -1.80 15.61 12.54
C ALA B 53 -2.23 15.04 11.19
N GLN B 54 -1.28 14.97 10.25
CA GLN B 54 -1.54 14.33 8.95
C GLN B 54 -1.78 12.83 9.06
N ILE B 55 -1.01 12.15 9.90
CA ILE B 55 -1.21 10.72 10.12
C ILE B 55 -2.63 10.49 10.70
N ALA B 56 -3.02 11.31 11.68
CA ALA B 56 -4.37 11.18 12.23
C ALA B 56 -5.49 11.36 11.21
N LYS B 57 -5.30 12.32 10.32
CA LYS B 57 -6.24 12.56 9.27
C LYS B 57 -6.29 11.36 8.31
N MET B 58 -5.15 10.74 8.03
CA MET B 58 -5.10 9.55 7.20
C MET B 58 -5.83 8.34 7.81
N GLU B 59 -5.80 8.18 9.13
CA GLU B 59 -6.61 7.15 9.81
C GLU B 59 -8.10 7.23 9.50
N GLU B 60 -8.65 8.43 9.35
CA GLU B 60 -10.07 8.47 9.02
CA GLU B 60 -10.04 8.59 8.93
C GLU B 60 -10.28 7.93 7.60
N GLN B 61 -9.39 8.25 6.65
CA GLN B 61 -9.65 7.75 5.31
C GLN B 61 -9.40 6.26 5.25
N ARG B 62 -8.37 5.80 5.95
CA ARG B 62 -8.13 4.38 6.06
C ARG B 62 -9.32 3.65 6.65
N LYS B 63 -9.95 4.22 7.66
CA LYS B 63 -11.05 3.54 8.28
C LYS B 63 -12.18 3.34 7.28
N ALA B 64 -12.50 4.40 6.55
CA ALA B 64 -13.55 4.31 5.54
C ALA B 64 -13.23 3.30 4.44
N ASN B 65 -11.99 3.29 3.98
CA ASN B 65 -11.56 2.41 2.90
C ASN B 65 -11.54 0.96 3.32
N MET B 66 -11.07 0.69 4.53
N MET B 66 -11.01 0.69 4.53
CA MET B 66 -11.03 -0.70 4.99
CA MET B 66 -11.03 -0.69 5.04
C MET B 66 -12.40 -1.23 5.40
C MET B 66 -12.43 -1.20 5.31
N LEU B 67 -13.29 -0.36 5.88
CA LEU B 67 -14.64 -0.81 6.14
C LEU B 67 -15.31 -1.21 4.85
N ALA B 68 -15.09 -0.42 3.81
CA ALA B 68 -15.77 -0.67 2.54
C ALA B 68 -15.20 -1.92 1.92
N HIS B 69 -13.89 -2.09 2.06
CA HIS B 69 -13.21 -3.24 1.45
C HIS B 69 -13.62 -4.52 2.16
N MET B 70 -13.60 -4.52 3.49
CA MET B 70 -14.05 -5.71 4.21
C MET B 70 -15.51 -6.03 3.97
N GLU B 71 -16.40 -5.03 3.94
CA GLU B 71 -17.82 -5.36 3.76
C GLU B 71 -18.03 -5.94 2.37
N THR B 72 -17.33 -5.39 1.36
CA THR B 72 -17.44 -5.90 0.00
C THR B 72 -16.96 -7.34 -0.08
N GLN B 73 -15.80 -7.62 0.50
CA GLN B 73 -15.27 -8.97 0.41
C GLN B 73 -16.16 -9.94 1.16
N ASN B 74 -16.73 -9.49 2.28
CA ASN B 74 -17.71 -10.30 3.01
C ASN B 74 -18.97 -10.59 2.20
N LYS B 75 -19.46 -9.62 1.42
N LYS B 75 -19.44 -9.60 1.43
CA LYS B 75 -20.70 -9.91 0.68
CA LYS B 75 -20.65 -9.85 0.64
C LYS B 75 -20.39 -10.77 -0.56
C LYS B 75 -20.35 -10.90 -0.43
N ILE B 76 -19.13 -10.82 -0.98
CA ILE B 76 -18.72 -11.77 -2.03
C ILE B 76 -18.57 -13.18 -1.44
N TYR B 77 -17.86 -13.33 -0.32
CA TYR B 77 -17.76 -14.61 0.36
C TYR B 77 -19.12 -15.30 0.47
N ASN B 78 -20.11 -14.52 0.87
CA ASN B 78 -21.43 -15.11 1.16
C ASN B 78 -22.31 -15.34 -0.06
N ILE B 79 -21.81 -15.07 -1.28
CA ILE B 79 -22.50 -15.60 -2.46
C ILE B 79 -21.87 -16.91 -2.93
N LEU B 80 -20.75 -17.30 -2.32
CA LEU B 80 -20.04 -18.52 -2.74
C LEU B 80 -20.63 -19.83 -2.24
N THR B 81 -20.43 -20.91 -3.00
CA THR B 81 -20.79 -22.25 -2.51
C THR B 81 -19.74 -22.74 -1.52
N PRO B 82 -20.09 -23.77 -0.73
CA PRO B 82 -19.12 -24.24 0.26
C PRO B 82 -17.78 -24.62 -0.34
N GLU B 83 -17.73 -25.28 -1.50
CA GLU B 83 -16.45 -25.59 -2.12
C GLU B 83 -15.71 -24.31 -2.55
N GLN B 84 -16.44 -23.34 -3.09
CA GLN B 84 -15.83 -22.10 -3.52
C GLN B 84 -15.28 -21.31 -2.33
N LYS B 85 -15.94 -21.39 -1.18
CA LYS B 85 -15.49 -20.72 0.03
C LYS B 85 -14.20 -21.33 0.52
N LYS B 86 -14.02 -22.65 0.39
CA LYS B 86 -12.71 -23.22 0.73
C LYS B 86 -11.59 -22.61 -0.11
N GLN B 87 -11.83 -22.44 -1.41
CA GLN B 87 -10.80 -21.94 -2.32
C GLN B 87 -10.55 -20.45 -2.06
N PHE B 88 -11.61 -19.71 -1.79
CA PHE B 88 -11.48 -18.31 -1.37
C PHE B 88 -10.56 -18.24 -0.17
N ASN B 89 -10.82 -19.10 0.81
CA ASN B 89 -10.07 -19.06 2.07
C ASN B 89 -8.62 -19.49 1.83
N ALA B 90 -8.40 -20.53 1.03
CA ALA B 90 -7.03 -20.86 0.70
C ALA B 90 -6.31 -19.70 -0.02
N ASN B 91 -6.99 -19.03 -0.95
CA ASN B 91 -6.37 -17.92 -1.70
C ASN B 91 -6.00 -16.79 -0.76
N PHE B 92 -6.86 -16.58 0.22
CA PHE B 92 -6.68 -15.49 1.16
C PHE B 92 -5.36 -15.68 1.88
N GLU B 93 -5.03 -16.92 2.18
CA GLU B 93 -3.80 -17.21 2.92
C GLU B 93 -2.57 -16.82 2.16
N LYS B 94 -2.72 -16.72 0.83
CA LYS B 94 -1.60 -16.44 -0.07
C LYS B 94 -1.47 -14.98 -0.55
N ARG B 95 -2.49 -14.17 -0.32
CA ARG B 95 -2.45 -12.76 -0.71
C ARG B 95 -2.14 -11.91 0.52
N LEU B 96 -1.62 -10.71 0.28
CA LEU B 96 -1.16 -9.84 1.35
C LEU B 96 -2.12 -8.67 1.59
N THR B 97 -3.04 -8.47 0.66
CA THR B 97 -3.95 -7.33 0.70
C THR B 97 -5.40 -7.77 0.46
CA SER C 1 12.10 -9.23 -13.17
CA ILE C 2 10.97 -16.28 -24.14
CA ILE C 2 -9.06 -8.95 -3.65
CA ILE C 2 4.38 -9.68 -17.28
CA ILE C 2 9.80 -8.26 -9.21
CA SER C 3 -8.29 -9.46 -8.03
CA ASP C 4 3.06 4.49 -0.25
CA TYR C 5 5.25 -10.29 -19.36
CA GLU C 7 6.70 -4.86 1.29
CA GLU C 7 11.42 -8.77 3.21
CA GLU C 7 2.47 2.72 3.98
CA ALA C 8 5.18 -2.88 -22.08
CA ALA C 8 -7.67 2.44 -5.50
CA ALA C 8 14.13 -5.82 3.36
CA GLU C 9 6.21 -3.06 -18.10
CA GLU C 9 -0.68 -4.29 -5.76
CA GLU C 9 13.32 -4.91 -0.91
CA GLU C 9 1.84 -2.11 3.40
CA VAL C 11 -16.34 3.78 -7.02
CA VAL C 11 -1.47 -4.84 -10.93
CA VAL C 11 7.32 -2.05 5.09
CA GLN C 12 -11.87 6.01 -8.39
CA GLN C 12 15.68 -1.85 -0.28
CA GLN C 12 -4.41 -6.22 -12.63
CA LEU C 13 1.21 -1.14 -19.51
CA LEU C 13 -10.88 3.91 -10.72
CA LEU C 13 14.54 -2.45 -3.31
CA LEU C 13 8.86 0.15 -2.77
CA LEU C 13 7.78 -6.44 2.33
CA LEU C 14 -14.78 4.04 -11.96
CA LEU C 14 -7.94 -7.31 -9.12
CA LEU C 14 8.52 2.39 0.84
CA LYS C 15 -0.57 1.51 -15.30
CA LYS C 15 19.39 -2.36 -4.12
CA LYS C 15 4.43 2.62 -0.29
CA GLU C 16 -2.07 2.92 -18.72
CA GLU C 16 -10.24 -2.82 -10.91
CA GLU C 16 4.47 4.86 2.83
CA GLU C 16 11.76 -9.47 4.39
CA ILE C 17 -4.53 0.81 -17.92
CA ILE C 17 -20.31 5.81 -10.34
CA ILE C 17 -12.57 -0.81 -8.92
CA ILE C 17 8.92 -12.27 5.52
CA GLU C 18 -13.67 1.52 -10.45
CA LYS C 19 -19.34 11.45 -12.16
CA LYS C 19 14.57 -12.66 6.83
CA GLU C 20 -7.50 1.73 -10.06
CA GLU C 20 -9.81 3.84 -10.16
CA GLU C 20 0.67 0.49 -1.86
CA ASN C 21 -2.45 -2.05 -3.57
CA ASN C 21 18.70 -15.24 8.66
CA VAL C 22 -17.23 18.62 -9.92
CA VAL C 22 -5.55 4.87 -6.17
CA ALA C 23 24.48 -14.71 -9.02
CA ALA C 23 -5.92 5.24 -2.65
CA ALA C 23 23.98 -15.35 8.14
CA ALA C 24 -4.48 3.19 -3.29
CA ALA C 24 22.55 -17.32 -12.28
CA THR C 25 20.91 -13.95 -13.07
CA THR C 25 -3.69 -2.83 -14.47
CA ASP C 26 17.14 -12.82 -13.72
CA ASP C 26 3.64 3.90 1.97
CA ASP C 26 -4.61 -3.88 -17.88
CA ASP C 27 3.23 5.44 0.99
CA ASP C 27 19.20 -9.73 -16.89
CA ASP C 27 4.37 6.97 0.90
CA ASP C 27 -0.53 -4.90 -19.12
CA VAL C 28 8.38 4.97 -0.77
CA LEU C 29 -8.76 23.98 3.64
CA LEU C 29 13.98 -10.04 -15.12
CA LEU C 29 6.93 1.78 -0.70
CA ASP C 30 7.84 -0.48 0.07
CA ASP C 30 -10.39 20.32 6.38
CA ASP C 30 -0.54 2.90 -22.23
CA ASP C 30 24.93 -1.62 -3.96
CA VAL C 31 7.11 -4.90 -0.75
CA VAL C 31 1.17 5.97 -17.68
CA LEU C 32 5.60 -2.11 -2.79
CA LEU C 32 12.10 -5.74 -14.71
CA LEU C 33 1.51 -3.91 -3.02
CA LEU C 33 10.13 -1.20 -5.88
CA LEU C 33 2.35 3.37 -13.34
CA GLU C 34 11.24 -4.86 -7.89
CA GLU C 34 5.45 3.43 -12.71
CA HIS C 35 14.19 -1.38 -3.90
CA PHE C 36 10.57 0.13 -13.31
CA PHE C 36 14.74 1.50 -1.10
CA VAL C 37 8.14 -7.61 -9.73
CA VAL C 37 6.98 5.06 -13.37
CA VAL C 37 5.84 -2.07 -4.11
CA VAL C 37 10.42 2.15 -2.29
CA LYS C 38 5.15 -8.63 -10.81
CA LYS C 38 9.80 -1.35 -4.60
CA THR C 40 1.84 0.18 -6.48
#